data_4NIO
# 
_entry.id   4NIO 
# 
_audit_conform.dict_name       mmcif_pdbx.dic 
_audit_conform.dict_version    5.387 
_audit_conform.dict_location   http://mmcif.pdb.org/dictionaries/ascii/mmcif_pdbx.dic 
# 
loop_
_database_2.database_id 
_database_2.database_code 
_database_2.pdbx_database_accession 
_database_2.pdbx_DOI 
PDB   4NIO         pdb_00004nio 10.2210/pdb4nio/pdb 
RCSB  RCSB083251   ?            ?                   
WWPDB D_1000083251 ?            ?                   
# 
loop_
_pdbx_audit_revision_history.ordinal 
_pdbx_audit_revision_history.data_content_type 
_pdbx_audit_revision_history.major_revision 
_pdbx_audit_revision_history.minor_revision 
_pdbx_audit_revision_history.revision_date 
1 'Structure model' 1 0 2013-12-04 
2 'Structure model' 1 1 2014-01-22 
3 'Structure model' 1 2 2017-11-22 
4 'Structure model' 1 3 2024-02-28 
# 
_pdbx_audit_revision_details.ordinal             1 
_pdbx_audit_revision_details.revision_ordinal    1 
_pdbx_audit_revision_details.data_content_type   'Structure model' 
_pdbx_audit_revision_details.provider            repository 
_pdbx_audit_revision_details.type                'Initial release' 
_pdbx_audit_revision_details.description         ? 
_pdbx_audit_revision_details.details             ? 
# 
loop_
_pdbx_audit_revision_group.ordinal 
_pdbx_audit_revision_group.revision_ordinal 
_pdbx_audit_revision_group.data_content_type 
_pdbx_audit_revision_group.group 
1 2 'Structure model' 'Database references'    
2 3 'Structure model' 'Refinement description' 
3 4 'Structure model' 'Data collection'        
4 4 'Structure model' 'Database references'    
# 
loop_
_pdbx_audit_revision_category.ordinal 
_pdbx_audit_revision_category.revision_ordinal 
_pdbx_audit_revision_category.data_content_type 
_pdbx_audit_revision_category.category 
1 3 'Structure model' software           
2 4 'Structure model' chem_comp_atom     
3 4 'Structure model' chem_comp_bond     
4 4 'Structure model' database_2         
5 4 'Structure model' struct_ref_seq_dif 
# 
loop_
_pdbx_audit_revision_item.ordinal 
_pdbx_audit_revision_item.revision_ordinal 
_pdbx_audit_revision_item.data_content_type 
_pdbx_audit_revision_item.item 
1 4 'Structure model' '_database_2.pdbx_DOI'                
2 4 'Structure model' '_database_2.pdbx_database_accession' 
3 4 'Structure model' '_struct_ref_seq_dif.details'         
# 
_pdbx_database_status.entry_id                        4NIO 
_pdbx_database_status.status_code                     REL 
_pdbx_database_status.deposit_site                    RCSB 
_pdbx_database_status.process_site                    RCSB 
_pdbx_database_status.recvd_initial_deposition_date   2013-11-06 
_pdbx_database_status.status_code_sf                  REL 
_pdbx_database_status.status_code_mr                  ? 
_pdbx_database_status.SG_entry                        ? 
_pdbx_database_status.status_code_cs                  ? 
_pdbx_database_status.methods_development_category    ? 
_pdbx_database_status.pdb_format_compatible           Y 
_pdbx_database_status.status_code_nmr_data            ? 
# 
loop_
_pdbx_database_related.db_name 
_pdbx_database_related.db_id 
_pdbx_database_related.details 
_pdbx_database_related.content_type 
PDB 4NIN 'A different segment (residues 101-107) from the same protein, human SOD.' unspecified 
PDB 4NIP .                                                                          unspecified 
# 
loop_
_audit_author.name 
_audit_author.pdbx_ordinal 
'Sievers, S.A.' 1 
'Sawaya, M.R.'  2 
'Eisenberg, D.' 3 
'Ivanova, M.I.' 4 
# 
_citation.id                        primary 
_citation.title                     
'Aggregation-triggering segments of SOD1 fibril formation support a common pathway for familial and sporadic ALS.' 
_citation.journal_abbrev            Proc.Natl.Acad.Sci.USA 
_citation.journal_volume            111 
_citation.page_first                197 
_citation.page_last                 201 
_citation.year                      2014 
_citation.journal_id_ASTM           PNASA6 
_citation.country                   US 
_citation.journal_id_ISSN           0027-8424 
_citation.journal_id_CSD            0040 
_citation.book_publisher            ? 
_citation.pdbx_database_id_PubMed   24344300 
_citation.pdbx_database_id_DOI      10.1073/pnas.1320786110 
# 
loop_
_citation_author.citation_id 
_citation_author.name 
_citation_author.ordinal 
_citation_author.identifier_ORCID 
primary 'Ivanova, M.I.'   1 ? 
primary 'Sievers, S.A.'   2 ? 
primary 'Guenther, E.L.'  3 ? 
primary 'Johnson, L.M.'   4 ? 
primary 'Winkler, D.D.'   5 ? 
primary 'Galaleldeen, A.' 6 ? 
primary 'Sawaya, M.R.'    7 ? 
primary 'Hart, P.J.'      8 ? 
primary 'Eisenberg, D.S.' 9 ? 
# 
loop_
_entity.id 
_entity.type 
_entity.src_method 
_entity.pdbx_description 
_entity.formula_weight 
_entity.pdbx_number_of_molecules 
_entity.pdbx_ec 
_entity.pdbx_mutation 
_entity.pdbx_fragment 
_entity.details 
1 polymer syn 'GVTGIAQ segment from Superoxide dismutase [Cu-Zn]' 644.718 1 ? I149T 'UNP Residues 148-154' ? 
2 water   nat water                                               18.015  4 ? ?     ?                      ? 
# 
_entity_name_com.entity_id   1 
_entity_name_com.name        'Superoxide dismutase 1, hSod1' 
# 
_entity_poly.entity_id                      1 
_entity_poly.type                           'polypeptide(L)' 
_entity_poly.nstd_linkage                   no 
_entity_poly.nstd_monomer                   no 
_entity_poly.pdbx_seq_one_letter_code       GVTGIAQ 
_entity_poly.pdbx_seq_one_letter_code_can   GVTGIAQ 
_entity_poly.pdbx_strand_id                 A 
_entity_poly.pdbx_target_identifier         ? 
# 
_pdbx_entity_nonpoly.entity_id   2 
_pdbx_entity_nonpoly.name        water 
_pdbx_entity_nonpoly.comp_id     HOH 
# 
loop_
_entity_poly_seq.entity_id 
_entity_poly_seq.num 
_entity_poly_seq.mon_id 
_entity_poly_seq.hetero 
1 1 GLY n 
1 2 VAL n 
1 3 THR n 
1 4 GLY n 
1 5 ILE n 
1 6 ALA n 
1 7 GLN n 
# 
_pdbx_entity_src_syn.entity_id              1 
_pdbx_entity_src_syn.pdbx_src_id            1 
_pdbx_entity_src_syn.pdbx_alt_source_flag   sample 
_pdbx_entity_src_syn.pdbx_beg_seq_num       ? 
_pdbx_entity_src_syn.pdbx_end_seq_num       ? 
_pdbx_entity_src_syn.organism_scientific    'Homo Sapiens' 
_pdbx_entity_src_syn.organism_common_name   human 
_pdbx_entity_src_syn.ncbi_taxonomy_id       9606 
_pdbx_entity_src_syn.details                ? 
# 
loop_
_chem_comp.id 
_chem_comp.type 
_chem_comp.mon_nstd_flag 
_chem_comp.name 
_chem_comp.pdbx_synonyms 
_chem_comp.formula 
_chem_comp.formula_weight 
ALA 'L-peptide linking' y ALANINE    ? 'C3 H7 N O2'   89.093  
GLN 'L-peptide linking' y GLUTAMINE  ? 'C5 H10 N2 O3' 146.144 
GLY 'peptide linking'   y GLYCINE    ? 'C2 H5 N O2'   75.067  
HOH non-polymer         . WATER      ? 'H2 O'         18.015  
ILE 'L-peptide linking' y ISOLEUCINE ? 'C6 H13 N O2'  131.173 
THR 'L-peptide linking' y THREONINE  ? 'C4 H9 N O3'   119.119 
VAL 'L-peptide linking' y VALINE     ? 'C5 H11 N O2'  117.146 
# 
loop_
_pdbx_poly_seq_scheme.asym_id 
_pdbx_poly_seq_scheme.entity_id 
_pdbx_poly_seq_scheme.seq_id 
_pdbx_poly_seq_scheme.mon_id 
_pdbx_poly_seq_scheme.ndb_seq_num 
_pdbx_poly_seq_scheme.pdb_seq_num 
_pdbx_poly_seq_scheme.auth_seq_num 
_pdbx_poly_seq_scheme.pdb_mon_id 
_pdbx_poly_seq_scheme.auth_mon_id 
_pdbx_poly_seq_scheme.pdb_strand_id 
_pdbx_poly_seq_scheme.pdb_ins_code 
_pdbx_poly_seq_scheme.hetero 
A 1 1 GLY 1 1 1 GLY GLY A . n 
A 1 2 VAL 2 2 2 VAL VAL A . n 
A 1 3 THR 3 3 3 THR THR A . n 
A 1 4 GLY 4 4 4 GLY GLY A . n 
A 1 5 ILE 5 5 5 ILE ILE A . n 
A 1 6 ALA 6 6 6 ALA ALA A . n 
A 1 7 GLN 7 7 7 GLN GLN A . n 
# 
loop_
_pdbx_nonpoly_scheme.asym_id 
_pdbx_nonpoly_scheme.entity_id 
_pdbx_nonpoly_scheme.mon_id 
_pdbx_nonpoly_scheme.ndb_seq_num 
_pdbx_nonpoly_scheme.pdb_seq_num 
_pdbx_nonpoly_scheme.auth_seq_num 
_pdbx_nonpoly_scheme.pdb_mon_id 
_pdbx_nonpoly_scheme.auth_mon_id 
_pdbx_nonpoly_scheme.pdb_strand_id 
_pdbx_nonpoly_scheme.pdb_ins_code 
B 2 HOH 1 101 1 HOH HOH A . 
B 2 HOH 2 102 2 HOH HOH A . 
B 2 HOH 3 103 3 HOH HOH A . 
B 2 HOH 4 104 4 HOH HOH A . 
# 
loop_
_software.pdbx_ordinal 
_software.name 
_software.version 
_software.date 
_software.type 
_software.contact_author 
_software.contact_author_email 
_software.classification 
_software.location 
_software.language 
_software.citation_id 
1 DENZO       .     ?                          program 'Zbyszek Otwinowski' hkl@hkl-xray.com            'data reduction'  
http://www.hkl-xray.com/                     ?          ? 
2 SCALEPACK   .     ?                          program 'Zbyszek Otwinowski' hkl@hkl-xray.com            'data scaling'    
http://www.hkl-xray.com/                     ?          ? 
3 PHASER      2.1.4 'Wed Jun 24 14:00:05 2009' program 'Randy J. Read'      cimr-phaser@lists.cam.ac.uk phasing           
http://www-structmed.cimr.cam.ac.uk/phaser/  ?          ? 
4 REFMAC      .     ?                          program 'Garib N. Murshudov' garib@ysbl.york.ac.uk       refinement        
http://www.ccp4.ac.uk/dist/html/refmac5.html Fortran_77 ? 
5 PDB_EXTRACT 3.11  'April 22, 2011'           package PDB                  deposit@deposit.rcsb.org    'data extraction' 
http://sw-tools.pdb.org/apps/PDB_EXTRACT/    C++        ? 
# 
_cell.length_a           47.787 
_cell.length_b           4.787 
_cell.length_c           17.687 
_cell.angle_alpha        90.000 
_cell.angle_beta         109.390 
_cell.angle_gamma        90.000 
_cell.entry_id           4NIO 
_cell.pdbx_unique_axis   ? 
_cell.Z_PDB              4 
_cell.length_a_esd       ? 
_cell.length_b_esd       ? 
_cell.length_c_esd       ? 
_cell.angle_alpha_esd    ? 
_cell.angle_beta_esd     ? 
_cell.angle_gamma_esd    ? 
# 
_symmetry.space_group_name_H-M             'C 1 2 1' 
_symmetry.entry_id                         4NIO 
_symmetry.Int_Tables_number                5 
_symmetry.pdbx_full_space_group_name_H-M   ? 
_symmetry.cell_setting                     ? 
_symmetry.space_group_name_Hall            ? 
# 
_exptl.crystals_number   1 
_exptl.entry_id          4NIO 
_exptl.method            'X-RAY DIFFRACTION' 
# 
_exptl_crystal.id                    1 
_exptl_crystal.density_Matthews      1.48 
_exptl_crystal.density_meas          ? 
_exptl_crystal.density_percent_sol   16.89 
_exptl_crystal.description           ? 
_exptl_crystal.F_000                 ? 
_exptl_crystal.preparation           ? 
# 
_exptl_crystal_grow.crystal_id      1 
_exptl_crystal_grow.method          'VAPOR DIFFUSION, HANGING DROP' 
_exptl_crystal_grow.pH              4.5 
_exptl_crystal_grow.temp            298 
_exptl_crystal_grow.pdbx_details    
'0.1 M sodium acetate pH 4.5, 0.7 M hexanediol, vapor diffusion, hanging drop, temperature 298K' 
_exptl_crystal_grow.temp_details    ? 
_exptl_crystal_grow.pdbx_pH_range   ? 
# 
_diffrn.id                     1 
_diffrn.ambient_temp           100 
_diffrn.ambient_temp_details   ? 
_diffrn.crystal_id             1 
# 
_diffrn_detector.diffrn_id              1 
_diffrn_detector.detector               CCD 
_diffrn_detector.type                   'ADSC QUANTUM 315' 
_diffrn_detector.pdbx_collection_date   2011-03-03 
_diffrn_detector.details                mirrors 
# 
_diffrn_radiation.diffrn_id                        1 
_diffrn_radiation.pdbx_diffrn_protocol             'SINGLE WAVELENGTH' 
_diffrn_radiation.monochromator                    'cryogenically-cooled single crystal Si(220)' 
_diffrn_radiation.wavelength_id                    1 
_diffrn_radiation.pdbx_monochromatic_or_laue_m_l   M 
_diffrn_radiation.pdbx_scattering_type             x-ray 
# 
_diffrn_radiation_wavelength.id           1 
_diffrn_radiation_wavelength.wavelength   0.9792 
_diffrn_radiation_wavelength.wt           1.0 
# 
_diffrn_source.diffrn_id                   1 
_diffrn_source.source                      SYNCHROTRON 
_diffrn_source.type                        'APS BEAMLINE 24-ID-E' 
_diffrn_source.pdbx_wavelength_list        0.9792 
_diffrn_source.pdbx_wavelength             ? 
_diffrn_source.pdbx_synchrotron_site       APS 
_diffrn_source.pdbx_synchrotron_beamline   24-ID-E 
# 
_reflns.entry_id                     4NIO 
_reflns.d_resolution_high            1.300 
_reflns.d_resolution_low             100.000 
_reflns.number_obs                   1053 
_reflns.pdbx_Rmerge_I_obs            0.128 
_reflns.pdbx_netI_over_sigmaI        11.000 
_reflns.pdbx_chi_squared             1.042 
_reflns.pdbx_redundancy              4.300 
_reflns.percent_possible_obs         95.700 
_reflns.observed_criterion_sigma_F   ? 
_reflns.observed_criterion_sigma_I   -3.0 
_reflns.number_all                   1053 
_reflns.pdbx_Rsym_value              ? 
_reflns.B_iso_Wilson_estimate        14.7 
_reflns.R_free_details               ? 
_reflns.limit_h_max                  ? 
_reflns.limit_h_min                  ? 
_reflns.limit_k_max                  ? 
_reflns.limit_k_min                  ? 
_reflns.limit_l_max                  ? 
_reflns.limit_l_min                  ? 
_reflns.observed_criterion_F_max     ? 
_reflns.observed_criterion_F_min     ? 
_reflns.pdbx_scaling_rejects         ? 
_reflns.pdbx_ordinal                 1 
_reflns.pdbx_diffrn_id               1 
# 
loop_
_reflns_shell.d_res_high 
_reflns_shell.d_res_low 
_reflns_shell.number_measured_obs 
_reflns_shell.number_measured_all 
_reflns_shell.number_unique_obs 
_reflns_shell.Rmerge_I_obs 
_reflns_shell.meanI_over_sigI_obs 
_reflns_shell.pdbx_Rsym_value 
_reflns_shell.pdbx_chi_squared 
_reflns_shell.pdbx_redundancy 
_reflns_shell.percent_possible_obs 
_reflns_shell.number_unique_all 
_reflns_shell.percent_possible_all 
_reflns_shell.pdbx_ordinal 
_reflns_shell.pdbx_diffrn_id 
1.300 1.350   ? ? ? 0.269 ? ? 1.014 2.400 ? 84  81.600  1  1 
1.350 1.400   ? ? ? 0.311 ? ? 1.058 2.700 ? 95  92.200  2  1 
1.400 1.460   ? ? ? 0.285 ? ? 1.012 3.200 ? 100 96.200  3  1 
1.460 1.540   ? ? ? 0.353 ? ? 1.064 3.700 ? 111 94.100  4  1 
1.540 1.640   ? ? ? 0.262 ? ? 1.099 4.300 ? 107 95.500  5  1 
1.640 1.760   ? ? ? 0.211 ? ? 1.029 5.200 ? 91  100.000 6  1 
1.760 1.940   ? ? ? 0.176 ? ? 1.019 5.400 ? 102 99.000  7  1 
1.940 2.220   ? ? ? 0.145 ? ? 1.034 5.400 ? 128 100.000 8  1 
2.220 2.800   ? ? ? 0.129 ? ? 1.064 5.100 ? 102 99.000  9  1 
2.800 100.000 ? ? ? 0.093 ? ? 1.023 5.000 ? 133 98.500  10 1 
# 
_refine.entry_id                                 4NIO 
_refine.ls_d_res_high                            1.3000 
_refine.ls_d_res_low                             22.5400 
_refine.pdbx_ls_sigma_F                          0.000 
_refine.pdbx_data_cutoff_high_absF               ? 
_refine.pdbx_data_cutoff_low_absF                ? 
_refine.ls_percent_reflns_obs                    95.9000 
_refine.ls_number_reflns_obs                     1053 
_refine.ls_number_reflns_all                     ? 
_refine.pdbx_ls_cross_valid_method               THROUGHOUT 
_refine.pdbx_R_Free_selection_details            RANDOM 
_refine.details                                  
'HYDROGENS HAVE BEEN ADDED IN THE RIDING POSITIONS U VALUES      : REFINED INDIVIDUALLY' 
_refine.ls_R_factor_all                          ? 
_refine.ls_R_factor_obs                          0.2051 
_refine.ls_R_factor_R_work                       0.2018 
_refine.ls_wR_factor_R_work                      0.2221 
_refine.ls_R_factor_R_free                       0.2332 
_refine.ls_wR_factor_R_free                      0.2247 
_refine.ls_percent_reflns_R_free                 11.0000 
_refine.ls_number_reflns_R_free                  116 
_refine.ls_R_factor_R_free_error                 ? 
_refine.B_iso_mean                               9.1706 
_refine.solvent_model_param_bsol                 ? 
_refine.solvent_model_param_ksol                 ? 
_refine.pdbx_isotropic_thermal_model             ? 
_refine.aniso_B[1][1]                            -0.0900 
_refine.aniso_B[2][2]                            -0.2400 
_refine.aniso_B[3][3]                            0.6400 
_refine.aniso_B[1][2]                            0.0000 
_refine.aniso_B[1][3]                            0.4600 
_refine.aniso_B[2][3]                            0.0000 
_refine.correlation_coeff_Fo_to_Fc               0.9590 
_refine.correlation_coeff_Fo_to_Fc_free          0.9480 
_refine.overall_SU_R_Cruickshank_DPI             0.0712 
_refine.overall_SU_R_free                        0.0731 
_refine.pdbx_overall_ESU_R                       0.0710 
_refine.pdbx_overall_ESU_R_Free                  0.0730 
_refine.overall_SU_ML                            0.0520 
_refine.overall_SU_B                             1.3900 
_refine.solvent_model_details                    MASK 
_refine.pdbx_solvent_vdw_probe_radii             1.4000 
_refine.pdbx_solvent_ion_probe_radii             0.8000 
_refine.pdbx_solvent_shrinkage_radii             0.8000 
_refine.ls_number_parameters                     ? 
_refine.ls_number_restraints                     ? 
_refine.pdbx_starting_model                      ? 
_refine.pdbx_method_to_determine_struct          'MOLECULAR REPLACEMENT' 
_refine.pdbx_stereochemistry_target_values       'MAXIMUM LIKELIHOOD' 
_refine.pdbx_stereochem_target_val_spec_case     ? 
_refine.overall_FOM_work_R_set                   0.7612 
_refine.B_iso_max                                31.560 
_refine.B_iso_min                                5.330 
_refine.pdbx_overall_phase_error                 ? 
_refine.occupancy_max                            1.000 
_refine.occupancy_min                            1.000 
_refine.pdbx_ls_sigma_I                          ? 
_refine.ls_redundancy_reflns_obs                 ? 
_refine.ls_R_factor_R_free_error_details         ? 
_refine.pdbx_data_cutoff_high_rms_absF           ? 
_refine.overall_FOM_free_R_set                   ? 
_refine.pdbx_diffrn_id                           1 
_refine.pdbx_refine_id                           'X-RAY DIFFRACTION' 
_refine.pdbx_TLS_residual_ADP_flag               ? 
_refine.pdbx_overall_SU_R_free_Cruickshank_DPI   ? 
_refine.pdbx_overall_SU_R_Blow_DPI               ? 
_refine.pdbx_overall_SU_R_free_Blow_DPI          ? 
# 
_refine_hist.pdbx_refine_id                   'X-RAY DIFFRACTION' 
_refine_hist.cycle_id                         LAST 
_refine_hist.pdbx_number_atoms_protein        45 
_refine_hist.pdbx_number_atoms_nucleic_acid   0 
_refine_hist.pdbx_number_atoms_ligand         0 
_refine_hist.number_atoms_solvent             4 
_refine_hist.number_atoms_total               49 
_refine_hist.d_res_high                       1.3000 
_refine_hist.d_res_low                        22.5400 
# 
loop_
_refine_ls_restr.type 
_refine_ls_restr.number 
_refine_ls_restr.dev_ideal 
_refine_ls_restr.dev_ideal_target 
_refine_ls_restr.weight 
_refine_ls_restr.pdbx_restraint_function 
_refine_ls_restr.pdbx_refine_id 
r_bond_refined_d       44 0.004  0.022  ? ? 'X-RAY DIFFRACTION' 
r_bond_other_d         24 0.001  0.020  ? ? 'X-RAY DIFFRACTION' 
r_angle_refined_deg    59 1.064  1.986  ? ? 'X-RAY DIFFRACTION' 
r_angle_other_deg      61 0.611  3.000  ? ? 'X-RAY DIFFRACTION' 
r_dihedral_angle_1_deg 6  5.920  5.000  ? ? 'X-RAY DIFFRACTION' 
r_dihedral_angle_2_deg 1  45.167 30.000 ? ? 'X-RAY DIFFRACTION' 
r_dihedral_angle_3_deg 6  3.500  15.000 ? ? 'X-RAY DIFFRACTION' 
r_chiral_restr         8  0.063  0.200  ? ? 'X-RAY DIFFRACTION' 
r_gen_planes_refined   50 0.002  0.020  ? ? 'X-RAY DIFFRACTION' 
r_gen_planes_other     6  0.000  0.020  ? ? 'X-RAY DIFFRACTION' 
r_mcbond_it            33 0.534  1.500  ? ? 'X-RAY DIFFRACTION' 
r_mcbond_other         15 0.071  1.500  ? ? 'X-RAY DIFFRACTION' 
r_mcangle_it           51 0.894  2.000  ? ? 'X-RAY DIFFRACTION' 
r_scbond_it            11 0.640  3.000  ? ? 'X-RAY DIFFRACTION' 
r_scangle_it           8  1.261  4.500  ? ? 'X-RAY DIFFRACTION' 
# 
_refine_ls_shell.d_res_high                       1.3010 
_refine_ls_shell.d_res_low                        1.3350 
_refine_ls_shell.pdbx_total_number_of_bins_used   20 
_refine_ls_shell.percent_reflns_obs               81.6900 
_refine_ls_shell.number_reflns_R_work             51 
_refine_ls_shell.R_factor_all                     ? 
_refine_ls_shell.R_factor_R_work                  0.2360 
_refine_ls_shell.R_factor_R_free                  0.5390 
_refine_ls_shell.percent_reflns_R_free            ? 
_refine_ls_shell.number_reflns_R_free             7 
_refine_ls_shell.R_factor_R_free_error            ? 
_refine_ls_shell.number_reflns_all                58 
_refine_ls_shell.number_reflns_obs                ? 
_refine_ls_shell.redundancy_reflns_obs            ? 
_refine_ls_shell.pdbx_refine_id                   'X-RAY DIFFRACTION' 
# 
_struct.entry_id                  4NIO 
_struct.title                     
;GVTGIAQ segment 147-153 from Human Superoxide Dismutase with I149T mutation associated with a familial form of amyotrophic lateral sclerosis
;
_struct.pdbx_model_details        ? 
_struct.pdbx_CASP_flag            ? 
_struct.pdbx_model_type_details   ? 
# 
_struct_keywords.entry_id        4NIO 
_struct_keywords.text            'steric zipper, cross-beta spine, amyloid fiber, PROTEIN FIBRIL' 
_struct_keywords.pdbx_keywords   'PROTEIN FIBRIL' 
# 
loop_
_struct_asym.id 
_struct_asym.pdbx_blank_PDB_chainid_flag 
_struct_asym.pdbx_modified 
_struct_asym.entity_id 
_struct_asym.details 
A N N 1 ? 
B N N 2 ? 
# 
_struct_ref.id                         1 
_struct_ref.db_name                    UNP 
_struct_ref.db_code                    SODC_HUMAN 
_struct_ref.pdbx_db_accession          P00441 
_struct_ref.entity_id                  1 
_struct_ref.pdbx_seq_one_letter_code   GVIGIAQ 
_struct_ref.pdbx_align_begin           148 
_struct_ref.pdbx_db_isoform            ? 
# 
_struct_ref_seq.align_id                      1 
_struct_ref_seq.ref_id                        1 
_struct_ref_seq.pdbx_PDB_id_code              4NIO 
_struct_ref_seq.pdbx_strand_id                A 
_struct_ref_seq.seq_align_beg                 1 
_struct_ref_seq.pdbx_seq_align_beg_ins_code   ? 
_struct_ref_seq.seq_align_end                 7 
_struct_ref_seq.pdbx_seq_align_end_ins_code   ? 
_struct_ref_seq.pdbx_db_accession             P00441 
_struct_ref_seq.db_align_beg                  148 
_struct_ref_seq.pdbx_db_align_beg_ins_code    ? 
_struct_ref_seq.db_align_end                  154 
_struct_ref_seq.pdbx_db_align_end_ins_code    ? 
_struct_ref_seq.pdbx_auth_seq_align_beg       1 
_struct_ref_seq.pdbx_auth_seq_align_end       7 
# 
_struct_ref_seq_dif.align_id                     1 
_struct_ref_seq_dif.pdbx_pdb_id_code             4NIO 
_struct_ref_seq_dif.mon_id                       THR 
_struct_ref_seq_dif.pdbx_pdb_strand_id           A 
_struct_ref_seq_dif.seq_num                      3 
_struct_ref_seq_dif.pdbx_pdb_ins_code            ? 
_struct_ref_seq_dif.pdbx_seq_db_name             UNP 
_struct_ref_seq_dif.pdbx_seq_db_accession_code   P00441 
_struct_ref_seq_dif.db_mon_id                    ILE 
_struct_ref_seq_dif.pdbx_seq_db_seq_num          150 
_struct_ref_seq_dif.details                      'engineered mutation' 
_struct_ref_seq_dif.pdbx_auth_seq_num            3 
_struct_ref_seq_dif.pdbx_ordinal                 1 
# 
_pdbx_struct_assembly.id                   1 
_pdbx_struct_assembly.details              author_defined_assembly 
_pdbx_struct_assembly.method_details       ? 
_pdbx_struct_assembly.oligomeric_details   decameric 
_pdbx_struct_assembly.oligomeric_count     10 
# 
_pdbx_struct_assembly_gen.assembly_id       1 
_pdbx_struct_assembly_gen.oper_expression   1,2,3,4,5,6,7,8,9,10 
_pdbx_struct_assembly_gen.asym_id_list      A,B 
# 
loop_
_pdbx_struct_oper_list.id 
_pdbx_struct_oper_list.type 
_pdbx_struct_oper_list.name 
_pdbx_struct_oper_list.symmetry_operation 
_pdbx_struct_oper_list.matrix[1][1] 
_pdbx_struct_oper_list.matrix[1][2] 
_pdbx_struct_oper_list.matrix[1][3] 
_pdbx_struct_oper_list.vector[1] 
_pdbx_struct_oper_list.matrix[2][1] 
_pdbx_struct_oper_list.matrix[2][2] 
_pdbx_struct_oper_list.matrix[2][3] 
_pdbx_struct_oper_list.vector[2] 
_pdbx_struct_oper_list.matrix[3][1] 
_pdbx_struct_oper_list.matrix[3][2] 
_pdbx_struct_oper_list.matrix[3][3] 
_pdbx_struct_oper_list.vector[3] 
1  'identity operation'         1_555 x,y,z           1.0000000000 0.0000000000 0.0000000000 0.0000000000   0.0000000000 1.0000000000  0.0000000000 0.0000000000  0.0000000000 0.0000000000 1.0000000000  0.0000000000  
2  'crystal symmetry operation' 1_545 x,y-1,z         1.0000000000 0.0000000000 0.0000000000 -3.9197168482  0.0000000000 1.0000000000  0.0000000000 -1.9458431708 0.0000000000 0.0000000000 1.0000000000  -1.9403306894 
3  'crystal symmetry operation' 1_535 x,y-2,z         1.0000000000 0.0000000000 0.0000000000 -7.8394336965  0.0000000000 1.0000000000  0.0000000000 -3.8916863417 0.0000000000 0.0000000000 1.0000000000  -3.8806613788 
4  'crystal symmetry operation' 1_565 x,y+1,z         1.0000000000 0.0000000000 0.0000000000 3.9197168482   0.0000000000 1.0000000000  0.0000000000 1.9458431708  0.0000000000 0.0000000000 1.0000000000  1.9403306894  
5  'crystal symmetry operation' 1_575 x,y+2,z         1.0000000000 0.0000000000 0.0000000000 7.8394336965   0.0000000000 1.0000000000  0.0000000000 3.8916863417  0.0000000000 0.0000000000 1.0000000000  3.8806613788  
6  'crystal symmetry operation' 4_555 -x+1/2,y+1/2,-z 0.3409498377 0.6656802481 0.6637944075 -2.9343259230  0.6656802481 -0.6695400676 0.3295237551 9.9935363511  0.6637944075 0.3295237551 -0.6714097701 1.8108030845  
7  'crystal symmetry operation' 4_545 -x+1/2,y-1/2,-z 0.3409498377 0.6656802481 0.6637944075 -6.8540427713  0.6656802481 -0.6695400676 0.3295237551 8.0476931803  0.6637944075 0.3295237551 -0.6714097701 -0.1295276049 
8  'crystal symmetry operation' 4_535 -x+1/2,y-3/2,-z 0.3409498377 0.6656802481 0.6637944075 -10.7737596195 0.6656802481 -0.6695400676 0.3295237551 6.1018500094  0.6637944075 0.3295237551 -0.6714097701 -2.0698582943 
9  'crystal symmetry operation' 4_565 -x+1/2,y+3/2,-z 0.3409498377 0.6656802481 0.6637944075 0.9853909252   0.6656802481 -0.6695400676 0.3295237551 11.9393795220 0.6637944075 0.3295237551 -0.6714097701 3.7511337738  
10 'crystal symmetry operation' 4_575 -x+1/2,y+5/2,-z 0.3409498377 0.6656802481 0.6637944075 4.9051077734   0.6656802481 -0.6695400676 0.3295237551 13.8852226928 0.6637944075 0.3295237551 -0.6714097701 5.6914644632 
# 
_struct_biol.id        1 
_struct_biol.details   
;biological unit is a pair of beta-sheets. One sheet is composed of symmetry operators X,Y,Z; X,Y-1,Z;  X,Y+1,Z;  X,Y-2,Z;  X,Y+2,Z, etc.: the opposing sheet is composed of symmetry operators 1/2-x,1/2+y,-z; 1/2-x,-1/2+y,-z; 1/2-x, 3/2+y,-z; 1/2-x,-3/2+y,-z; 1/2-x, 5/2+y,-z, etc.
;
# 
_pdbx_phasing_MR.entry_id                     4NIO 
_pdbx_phasing_MR.method_rotation              ? 
_pdbx_phasing_MR.method_translation           ? 
_pdbx_phasing_MR.model_details                'Phaser MODE: MR_AUTO' 
_pdbx_phasing_MR.R_factor                     ? 
_pdbx_phasing_MR.R_rigid_body                 ? 
_pdbx_phasing_MR.correlation_coeff_Fo_to_Fc   ? 
_pdbx_phasing_MR.correlation_coeff_Io_to_Ic   ? 
_pdbx_phasing_MR.d_res_high_rotation          1.600 
_pdbx_phasing_MR.d_res_low_rotation           16.680 
_pdbx_phasing_MR.d_res_high_translation       1.600 
_pdbx_phasing_MR.d_res_low_translation        16.680 
_pdbx_phasing_MR.packing                      ? 
_pdbx_phasing_MR.reflns_percent_rotation      ? 
_pdbx_phasing_MR.reflns_percent_translation   ? 
_pdbx_phasing_MR.sigma_F_rotation             ? 
_pdbx_phasing_MR.sigma_F_translation          ? 
_pdbx_phasing_MR.sigma_I_rotation             ? 
_pdbx_phasing_MR.sigma_I_translation          ? 
# 
_phasing.method   MR 
# 
loop_
_chem_comp_atom.comp_id 
_chem_comp_atom.atom_id 
_chem_comp_atom.type_symbol 
_chem_comp_atom.pdbx_aromatic_flag 
_chem_comp_atom.pdbx_stereo_config 
_chem_comp_atom.pdbx_ordinal 
ALA N    N N N 1   
ALA CA   C N S 2   
ALA C    C N N 3   
ALA O    O N N 4   
ALA CB   C N N 5   
ALA OXT  O N N 6   
ALA H    H N N 7   
ALA H2   H N N 8   
ALA HA   H N N 9   
ALA HB1  H N N 10  
ALA HB2  H N N 11  
ALA HB3  H N N 12  
ALA HXT  H N N 13  
GLN N    N N N 14  
GLN CA   C N S 15  
GLN C    C N N 16  
GLN O    O N N 17  
GLN CB   C N N 18  
GLN CG   C N N 19  
GLN CD   C N N 20  
GLN OE1  O N N 21  
GLN NE2  N N N 22  
GLN OXT  O N N 23  
GLN H    H N N 24  
GLN H2   H N N 25  
GLN HA   H N N 26  
GLN HB2  H N N 27  
GLN HB3  H N N 28  
GLN HG2  H N N 29  
GLN HG3  H N N 30  
GLN HE21 H N N 31  
GLN HE22 H N N 32  
GLN HXT  H N N 33  
GLY N    N N N 34  
GLY CA   C N N 35  
GLY C    C N N 36  
GLY O    O N N 37  
GLY OXT  O N N 38  
GLY H    H N N 39  
GLY H2   H N N 40  
GLY HA2  H N N 41  
GLY HA3  H N N 42  
GLY HXT  H N N 43  
HOH O    O N N 44  
HOH H1   H N N 45  
HOH H2   H N N 46  
ILE N    N N N 47  
ILE CA   C N S 48  
ILE C    C N N 49  
ILE O    O N N 50  
ILE CB   C N S 51  
ILE CG1  C N N 52  
ILE CG2  C N N 53  
ILE CD1  C N N 54  
ILE OXT  O N N 55  
ILE H    H N N 56  
ILE H2   H N N 57  
ILE HA   H N N 58  
ILE HB   H N N 59  
ILE HG12 H N N 60  
ILE HG13 H N N 61  
ILE HG21 H N N 62  
ILE HG22 H N N 63  
ILE HG23 H N N 64  
ILE HD11 H N N 65  
ILE HD12 H N N 66  
ILE HD13 H N N 67  
ILE HXT  H N N 68  
THR N    N N N 69  
THR CA   C N S 70  
THR C    C N N 71  
THR O    O N N 72  
THR CB   C N R 73  
THR OG1  O N N 74  
THR CG2  C N N 75  
THR OXT  O N N 76  
THR H    H N N 77  
THR H2   H N N 78  
THR HA   H N N 79  
THR HB   H N N 80  
THR HG1  H N N 81  
THR HG21 H N N 82  
THR HG22 H N N 83  
THR HG23 H N N 84  
THR HXT  H N N 85  
VAL N    N N N 86  
VAL CA   C N S 87  
VAL C    C N N 88  
VAL O    O N N 89  
VAL CB   C N N 90  
VAL CG1  C N N 91  
VAL CG2  C N N 92  
VAL OXT  O N N 93  
VAL H    H N N 94  
VAL H2   H N N 95  
VAL HA   H N N 96  
VAL HB   H N N 97  
VAL HG11 H N N 98  
VAL HG12 H N N 99  
VAL HG13 H N N 100 
VAL HG21 H N N 101 
VAL HG22 H N N 102 
VAL HG23 H N N 103 
VAL HXT  H N N 104 
# 
loop_
_chem_comp_bond.comp_id 
_chem_comp_bond.atom_id_1 
_chem_comp_bond.atom_id_2 
_chem_comp_bond.value_order 
_chem_comp_bond.pdbx_aromatic_flag 
_chem_comp_bond.pdbx_stereo_config 
_chem_comp_bond.pdbx_ordinal 
ALA N   CA   sing N N 1  
ALA N   H    sing N N 2  
ALA N   H2   sing N N 3  
ALA CA  C    sing N N 4  
ALA CA  CB   sing N N 5  
ALA CA  HA   sing N N 6  
ALA C   O    doub N N 7  
ALA C   OXT  sing N N 8  
ALA CB  HB1  sing N N 9  
ALA CB  HB2  sing N N 10 
ALA CB  HB3  sing N N 11 
ALA OXT HXT  sing N N 12 
GLN N   CA   sing N N 13 
GLN N   H    sing N N 14 
GLN N   H2   sing N N 15 
GLN CA  C    sing N N 16 
GLN CA  CB   sing N N 17 
GLN CA  HA   sing N N 18 
GLN C   O    doub N N 19 
GLN C   OXT  sing N N 20 
GLN CB  CG   sing N N 21 
GLN CB  HB2  sing N N 22 
GLN CB  HB3  sing N N 23 
GLN CG  CD   sing N N 24 
GLN CG  HG2  sing N N 25 
GLN CG  HG3  sing N N 26 
GLN CD  OE1  doub N N 27 
GLN CD  NE2  sing N N 28 
GLN NE2 HE21 sing N N 29 
GLN NE2 HE22 sing N N 30 
GLN OXT HXT  sing N N 31 
GLY N   CA   sing N N 32 
GLY N   H    sing N N 33 
GLY N   H2   sing N N 34 
GLY CA  C    sing N N 35 
GLY CA  HA2  sing N N 36 
GLY CA  HA3  sing N N 37 
GLY C   O    doub N N 38 
GLY C   OXT  sing N N 39 
GLY OXT HXT  sing N N 40 
HOH O   H1   sing N N 41 
HOH O   H2   sing N N 42 
ILE N   CA   sing N N 43 
ILE N   H    sing N N 44 
ILE N   H2   sing N N 45 
ILE CA  C    sing N N 46 
ILE CA  CB   sing N N 47 
ILE CA  HA   sing N N 48 
ILE C   O    doub N N 49 
ILE C   OXT  sing N N 50 
ILE CB  CG1  sing N N 51 
ILE CB  CG2  sing N N 52 
ILE CB  HB   sing N N 53 
ILE CG1 CD1  sing N N 54 
ILE CG1 HG12 sing N N 55 
ILE CG1 HG13 sing N N 56 
ILE CG2 HG21 sing N N 57 
ILE CG2 HG22 sing N N 58 
ILE CG2 HG23 sing N N 59 
ILE CD1 HD11 sing N N 60 
ILE CD1 HD12 sing N N 61 
ILE CD1 HD13 sing N N 62 
ILE OXT HXT  sing N N 63 
THR N   CA   sing N N 64 
THR N   H    sing N N 65 
THR N   H2   sing N N 66 
THR CA  C    sing N N 67 
THR CA  CB   sing N N 68 
THR CA  HA   sing N N 69 
THR C   O    doub N N 70 
THR C   OXT  sing N N 71 
THR CB  OG1  sing N N 72 
THR CB  CG2  sing N N 73 
THR CB  HB   sing N N 74 
THR OG1 HG1  sing N N 75 
THR CG2 HG21 sing N N 76 
THR CG2 HG22 sing N N 77 
THR CG2 HG23 sing N N 78 
THR OXT HXT  sing N N 79 
VAL N   CA   sing N N 80 
VAL N   H    sing N N 81 
VAL N   H2   sing N N 82 
VAL CA  C    sing N N 83 
VAL CA  CB   sing N N 84 
VAL CA  HA   sing N N 85 
VAL C   O    doub N N 86 
VAL C   OXT  sing N N 87 
VAL CB  CG1  sing N N 88 
VAL CB  CG2  sing N N 89 
VAL CB  HB   sing N N 90 
VAL CG1 HG11 sing N N 91 
VAL CG1 HG12 sing N N 92 
VAL CG1 HG13 sing N N 93 
VAL CG2 HG21 sing N N 94 
VAL CG2 HG22 sing N N 95 
VAL CG2 HG23 sing N N 96 
VAL OXT HXT  sing N N 97 
# 
_atom_sites.entry_id                    4NIO 
_atom_sites.fract_transf_matrix[1][1]   0.00840755 
_atom_sites.fract_transf_matrix[1][2]   0.00327341 
_atom_sites.fract_transf_matrix[1][3]   -0.02026705 
_atom_sites.fract_transf_matrix[2][1]   0.17105179 
_atom_sites.fract_transf_matrix[2][2]   0.08491429 
_atom_sites.fract_transf_matrix[2][3]   0.08467373 
_atom_sites.fract_transf_matrix[3][1]   0.03191946 
_atom_sites.fract_transf_matrix[3][2]   -0.04804220 
_atom_sites.fract_transf_matrix[3][3]   -0.01630272 
_atom_sites.fract_transf_vector[1]      0.264326 
_atom_sites.fract_transf_vector[2]      0.140828 
_atom_sites.fract_transf_vector[3]      0.301647 
# 
loop_
_atom_type.symbol 
C 
N 
O 
# 
loop_
_atom_site.group_PDB 
_atom_site.id 
_atom_site.type_symbol 
_atom_site.label_atom_id 
_atom_site.label_alt_id 
_atom_site.label_comp_id 
_atom_site.label_asym_id 
_atom_site.label_entity_id 
_atom_site.label_seq_id 
_atom_site.pdbx_PDB_ins_code 
_atom_site.Cartn_x 
_atom_site.Cartn_y 
_atom_site.Cartn_z 
_atom_site.occupancy 
_atom_site.B_iso_or_equiv 
_atom_site.pdbx_formal_charge 
_atom_site.auth_seq_id 
_atom_site.auth_comp_id 
_atom_site.auth_asym_id 
_atom_site.auth_atom_id 
_atom_site.pdbx_PDB_model_num 
ATOM   1  N N   . GLY A 1 1 ? -1.033 -5.633 9.414   1.00 7.31  ? 1   GLY A N   1 
ATOM   2  C CA  . GLY A 1 1 ? -1.394 -5.876 7.987   1.00 6.60  ? 1   GLY A CA  1 
ATOM   3  C C   . GLY A 1 1 ? -0.463 -5.141 7.042   1.00 6.39  ? 1   GLY A C   1 
ATOM   4  O O   . GLY A 1 1 ? 0.518  -4.534 7.476   1.00 6.51  ? 1   GLY A O   1 
ATOM   5  N N   . VAL A 1 2 ? -0.771 -5.209 5.747   1.00 6.00  ? 2   VAL A N   1 
ATOM   6  C CA  . VAL A 1 2 ? 0.004  -4.533 4.713   1.00 6.00  ? 2   VAL A CA  1 
ATOM   7  C C   . VAL A 1 2 ? -0.898 -3.535 4.006   1.00 6.05  ? 2   VAL A C   1 
ATOM   8  O O   . VAL A 1 2 ? -1.968 -3.899 3.531   1.00 6.45  ? 2   VAL A O   1 
ATOM   9  C CB  . VAL A 1 2 ? 0.571  -5.533 3.686   1.00 5.98  ? 2   VAL A CB  1 
ATOM   10 C CG1 . VAL A 1 2 ? 1.313  -4.801 2.573   1.00 6.21  ? 2   VAL A CG1 1 
ATOM   11 C CG2 . VAL A 1 2 ? 1.488  -6.534 4.378   1.00 6.01  ? 2   VAL A CG2 1 
ATOM   12 N N   . THR A 1 3 ? -0.469 -2.277 3.953   1.00 6.09  ? 3   THR A N   1 
ATOM   13 C CA  . THR A 1 3 ? -1.266 -1.211 3.359   1.00 6.14  ? 3   THR A CA  1 
ATOM   14 C C   . THR A 1 3 ? -0.385 -0.397 2.435   1.00 5.82  ? 3   THR A C   1 
ATOM   15 O O   . THR A 1 3 ? 0.671  0.074  2.851   1.00 6.12  ? 3   THR A O   1 
ATOM   16 C CB  . THR A 1 3 ? -1.847 -0.281 4.439   1.00 6.29  ? 3   THR A CB  1 
ATOM   17 O OG1 . THR A 1 3 ? -2.541 -1.058 5.420   1.00 7.13  ? 3   THR A OG1 1 
ATOM   18 C CG2 . THR A 1 3 ? -2.803 0.733  3.822   1.00 6.31  ? 3   THR A CG2 1 
ATOM   19 N N   . GLY A 1 4 ? -0.810 -0.217 1.190   1.00 5.67  ? 4   GLY A N   1 
ATOM   20 C CA  . GLY A 1 4 ? 0.014  0.502  0.234   1.00 5.68  ? 4   GLY A CA  1 
ATOM   21 C C   . GLY A 1 4 ? -0.721 1.273  -0.839  1.00 5.62  ? 4   GLY A C   1 
ATOM   22 O O   . GLY A 1 4 ? -1.797 0.881  -1.280  1.00 5.33  ? 4   GLY A O   1 
ATOM   23 N N   . ILE A 1 5 ? -0.118 2.385  -1.249  1.00 5.78  ? 5   ILE A N   1 
ATOM   24 C CA  . ILE A 1 5 ? -0.511 3.101  -2.456  1.00 6.07  ? 5   ILE A CA  1 
ATOM   25 C C   . ILE A 1 5 ? 0.707  3.135  -3.378  1.00 6.46  ? 5   ILE A C   1 
ATOM   26 O O   . ILE A 1 5 ? 1.781  3.593  -2.982  1.00 6.03  ? 5   ILE A O   1 
ATOM   27 C CB  . ILE A 1 5 ? -0.974 4.544  -2.162  1.00 6.09  ? 5   ILE A CB  1 
ATOM   28 C CG1 . ILE A 1 5 ? -2.152 4.538  -1.187  1.00 6.40  ? 5   ILE A CG1 1 
ATOM   29 C CG2 . ILE A 1 5 ? -1.370 5.251  -3.459  1.00 5.96  ? 5   ILE A CG2 1 
ATOM   30 C CD1 . ILE A 1 5 ? -2.665 5.926  -0.822  1.00 6.47  ? 5   ILE A CD1 1 
ATOM   31 N N   . ALA A 1 6 ? 0.533  2.626  -4.594  1.00 7.05  ? 6   ALA A N   1 
ATOM   32 C CA  . ALA A 1 6 ? 1.585  2.627  -5.601  1.00 8.07  ? 6   ALA A CA  1 
ATOM   33 C C   . ALA A 1 6 ? 1.124  3.451  -6.794  1.00 9.05  ? 6   ALA A C   1 
ATOM   34 O O   . ALA A 1 6 ? 0.086  3.157  -7.386  1.00 9.53  ? 6   ALA A O   1 
ATOM   35 C CB  . ALA A 1 6 ? 1.899  1.207  -6.027  1.00 7.94  ? 6   ALA A CB  1 
ATOM   36 N N   . GLN A 1 7 ? 1.893  4.486  -7.131  1.00 10.42 ? 7   GLN A N   1 
ATOM   37 C CA  . GLN A 1 7 ? 1.568  5.389  -8.236  1.00 11.49 ? 7   GLN A CA  1 
ATOM   38 C C   . GLN A 1 7 ? 2.730  5.481  -9.211  1.00 12.21 ? 7   GLN A C   1 
ATOM   39 O O   . GLN A 1 7 ? 2.527  5.719  -10.403 1.00 13.18 ? 7   GLN A O   1 
ATOM   40 C CB  . GLN A 1 7 ? 1.247  6.783  -7.704  1.00 11.50 ? 7   GLN A CB  1 
ATOM   41 C CG  . GLN A 1 7 ? 0.034  6.816  -6.805  1.00 12.17 ? 7   GLN A CG  1 
ATOM   42 C CD  . GLN A 1 7 ? -0.212 8.174  -6.184  1.00 13.21 ? 7   GLN A CD  1 
ATOM   43 O OE1 . GLN A 1 7 ? 0.707  8.820  -5.677  1.00 14.51 ? 7   GLN A OE1 1 
ATOM   44 N NE2 . GLN A 1 7 ? -1.463 8.611  -6.207  1.00 13.85 ? 7   GLN A NE2 1 
ATOM   45 O OXT . GLN A 1 7 ? 3.893  5.333  -8.828  1.00 13.04 ? 7   GLN A OXT 1 
HETATM 46 O O   . HOH B 2 . ? -0.595 -1.502 7.319   1.00 13.42 ? 101 HOH A O   1 
HETATM 47 O O   . HOH B 2 . ? 5.261  8.471  -10.642 1.00 31.56 ? 102 HOH A O   1 
HETATM 48 O O   . HOH B 2 . ? 3.111  9.698  -9.907  1.00 22.81 ? 103 HOH A O   1 
HETATM 49 O O   . HOH B 2 . ? 4.734  2.879  -7.573  1.00 29.38 ? 104 HOH A O   1 
# 
